data_4NOF
#
_entry.id   4NOF
#
_cell.length_a   101.388
_cell.length_b   35.365
_cell.length_c   73.238
_cell.angle_alpha   90.000
_cell.angle_beta   105.960
_cell.angle_gamma   90.000
#
_symmetry.space_group_name_H-M   'C 1 2 1'
#
loop_
_entity.id
_entity.type
_entity.pdbx_description
1 polymer 'Polymeric immunoglobulin receptor'
2 non-polymer 2-acetamido-2-deoxy-beta-D-glucopyranose
3 non-polymer GLYCEROL
4 water water
#
_entity_poly.entity_id   1
_entity_poly.type   'polypeptide(L)'
_entity_poly.pdbx_seq_one_letter_code
;QDYGGLPSDTHVYTKDIGRNVTIECPFKRENAPSKKSLCKKTNQSCELVIDSTEKVNPSYIGRAKLFMKGTDLTVFYVNI
SHLTHNDAGLYICQAGEGPSADKKNVDLQVLAPEPELLAENLYFQ
;
_entity_poly.pdbx_strand_id   A,B
#
loop_
_chem_comp.id
_chem_comp.type
_chem_comp.name
_chem_comp.formula
GOL non-polymer GLYCEROL 'C3 H8 O3'
NAG D-saccharide, beta linking 2-acetamido-2-deoxy-beta-D-glucopyranose 'C8 H15 N O6'
#
# COMPACT_ATOMS: atom_id res chain seq x y z
N GLY A 4 -11.80 19.41 7.19
CA GLY A 4 -10.81 19.16 6.07
C GLY A 4 -10.18 17.79 6.03
N GLY A 5 -10.86 16.78 6.55
CA GLY A 5 -10.29 15.45 6.63
C GLY A 5 -10.20 14.86 5.24
N LEU A 6 -9.04 14.28 4.94
CA LEU A 6 -8.74 13.66 3.63
CA LEU A 6 -8.78 13.63 3.65
C LEU A 6 -8.13 12.32 3.89
N PRO A 7 -8.18 11.42 2.89
CA PRO A 7 -7.37 10.24 2.99
C PRO A 7 -5.89 10.57 3.02
N SER A 8 -5.05 9.60 3.38
CA SER A 8 -3.64 9.80 3.46
C SER A 8 -3.01 10.21 2.12
N ASP A 9 -2.17 11.25 2.18
CA ASP A 9 -1.36 11.70 1.04
CA ASP A 9 -1.38 11.72 1.04
C ASP A 9 -2.21 11.90 -0.22
N THR A 10 -3.19 12.76 -0.10
CA THR A 10 -4.12 13.00 -1.19
C THR A 10 -3.59 14.12 -2.04
N HIS A 11 -3.62 13.94 -3.35
CA HIS A 11 -3.31 14.99 -4.32
C HIS A 11 -4.59 15.67 -4.73
N VAL A 12 -4.67 16.98 -4.50
CA VAL A 12 -5.84 17.75 -4.86
C VAL A 12 -5.64 18.47 -6.20
N TYR A 13 -6.63 18.33 -7.08
CA TYR A 13 -6.73 19.04 -8.35
C TYR A 13 -7.95 19.97 -8.29
N THR A 14 -7.79 21.22 -8.72
CA THR A 14 -8.86 22.20 -8.67
C THR A 14 -9.05 22.73 -10.10
N LYS A 15 -10.24 22.55 -10.64
CA LYS A 15 -10.55 22.93 -12.00
C LYS A 15 -11.92 23.61 -12.11
N ASP A 16 -12.04 24.53 -13.04
CA ASP A 16 -13.35 25.09 -13.38
C ASP A 16 -14.23 24.11 -14.16
N ILE A 17 -15.53 24.23 -13.95
CA ILE A 17 -16.49 23.43 -14.68
C ILE A 17 -16.24 23.57 -16.19
N GLY A 18 -16.42 22.45 -16.90
CA GLY A 18 -16.10 22.33 -18.33
C GLY A 18 -14.67 22.20 -18.79
N ARG A 19 -13.70 22.34 -17.90
CA ARG A 19 -12.30 22.19 -18.24
C ARG A 19 -11.91 20.66 -18.17
N ASN A 20 -10.64 20.37 -18.37
CA ASN A 20 -10.13 18.99 -18.29
C ASN A 20 -9.09 18.87 -17.22
N VAL A 21 -8.91 17.67 -16.69
CA VAL A 21 -7.88 17.39 -15.72
C VAL A 21 -7.14 16.16 -16.13
N THR A 22 -5.83 16.16 -15.94
CA THR A 22 -5.01 14.97 -16.09
C THR A 22 -4.57 14.52 -14.72
N ILE A 23 -5.11 13.37 -14.29
CA ILE A 23 -4.80 12.77 -12.98
C ILE A 23 -3.58 11.85 -13.13
N GLU A 24 -2.59 12.04 -12.27
CA GLU A 24 -1.38 11.25 -12.24
C GLU A 24 -1.50 10.11 -11.23
N CYS A 25 -1.25 8.89 -11.68
CA CYS A 25 -1.37 7.68 -10.86
C CYS A 25 -0.03 6.96 -10.81
N PRO A 26 0.78 7.24 -9.79
CA PRO A 26 2.06 6.54 -9.62
C PRO A 26 1.92 5.11 -9.14
N PHE A 27 2.86 4.26 -9.53
CA PHE A 27 2.91 2.91 -9.02
C PHE A 27 4.36 2.39 -9.06
N LYS A 28 4.54 1.18 -8.51
CA LYS A 28 5.84 0.54 -8.41
C LYS A 28 6.00 -0.59 -9.40
N ARG A 29 7.26 -0.96 -9.62
CA ARG A 29 7.59 -2.01 -10.60
C ARG A 29 6.81 -3.31 -10.42
N GLU A 30 6.61 -3.73 -9.16
CA GLU A 30 5.85 -4.93 -8.83
C GLU A 30 4.47 -5.02 -9.54
N ASN A 31 3.86 -3.87 -9.80
CA ASN A 31 2.54 -3.82 -10.40
C ASN A 31 2.47 -3.36 -11.85
N ALA A 32 3.64 -3.22 -12.49
CA ALA A 32 3.74 -2.83 -13.89
C ALA A 32 2.93 -3.72 -14.83
N PRO A 33 2.91 -5.06 -14.62
CA PRO A 33 2.06 -5.89 -15.47
C PRO A 33 0.54 -5.93 -15.14
N SER A 34 0.13 -5.33 -14.03
CA SER A 34 -1.21 -5.49 -13.51
C SER A 34 -2.19 -4.46 -14.10
N LYS A 35 -3.46 -4.71 -13.86
CA LYS A 35 -4.52 -3.80 -14.30
C LYS A 35 -4.33 -2.44 -13.67
N LYS A 36 -4.61 -1.40 -14.44
CA LYS A 36 -4.54 -0.03 -13.99
C LYS A 36 -5.94 0.50 -14.00
N SER A 37 -6.35 1.21 -12.95
CA SER A 37 -7.74 1.66 -12.86
C SER A 37 -7.83 2.97 -12.10
N LEU A 38 -8.91 3.70 -12.37
CA LEU A 38 -9.33 4.81 -11.54
C LEU A 38 -10.76 4.54 -11.09
N CYS A 39 -11.02 4.73 -9.80
CA CYS A 39 -12.38 4.64 -9.29
CA CYS A 39 -12.36 4.59 -9.22
C CYS A 39 -12.75 5.86 -8.45
N LYS A 40 -14.05 6.07 -8.30
CA LYS A 40 -14.56 7.24 -7.58
C LYS A 40 -15.15 6.77 -6.27
N LYS A 41 -14.78 7.40 -5.18
CA LYS A 41 -15.34 7.02 -3.89
C LYS A 41 -16.81 7.39 -3.65
N THR A 42 -17.52 6.42 -3.08
CA THR A 42 -18.74 6.64 -2.32
C THR A 42 -18.37 6.19 -0.90
N ASN A 43 -19.24 6.41 0.08
CA ASN A 43 -18.79 6.26 1.47
C ASN A 43 -18.15 4.91 1.79
N GLN A 44 -18.71 3.80 1.28
CA GLN A 44 -18.03 2.50 1.41
C GLN A 44 -17.79 1.76 0.08
N SER A 45 -18.08 2.42 -1.04
CA SER A 45 -17.85 1.83 -2.36
C SER A 45 -16.86 2.69 -3.16
N CYS A 46 -16.11 2.05 -4.05
CA CYS A 46 -15.35 2.79 -5.07
CA CYS A 46 -15.34 2.75 -5.06
C CYS A 46 -15.88 2.26 -6.39
N GLU A 47 -16.49 3.14 -7.15
CA GLU A 47 -17.12 2.83 -8.44
C GLU A 47 -16.09 3.01 -9.57
N LEU A 48 -15.96 2.02 -10.45
CA LEU A 48 -15.09 2.17 -11.63
C LEU A 48 -15.37 3.44 -12.43
N VAL A 49 -14.32 4.18 -12.78
CA VAL A 49 -14.38 5.23 -13.76
C VAL A 49 -13.84 4.70 -15.09
N ILE A 50 -12.60 4.20 -15.10
CA ILE A 50 -12.01 3.63 -16.31
C ILE A 50 -10.88 2.72 -15.92
N ASP A 51 -10.68 1.65 -16.69
CA ASP A 51 -9.52 0.79 -16.46
C ASP A 51 -8.80 0.43 -17.76
N SER A 52 -7.66 -0.20 -17.60
CA SER A 52 -6.75 -0.51 -18.72
C SER A 52 -7.24 -1.68 -19.57
N THR A 53 -8.35 -2.31 -19.14
CA THR A 53 -9.05 -3.33 -19.97
C THR A 53 -10.09 -2.68 -20.89
N GLU A 54 -10.17 -1.35 -20.88
CA GLU A 54 -11.02 -0.50 -21.69
C GLU A 54 -12.45 -0.42 -21.18
N LYS A 55 -12.71 -0.94 -19.98
CA LYS A 55 -14.03 -0.74 -19.36
C LYS A 55 -14.13 0.69 -18.87
N VAL A 56 -15.29 1.31 -19.07
CA VAL A 56 -15.52 2.69 -18.68
C VAL A 56 -16.93 2.85 -18.14
N ASN A 57 -17.05 3.67 -17.13
CA ASN A 57 -18.37 4.04 -16.54
C ASN A 57 -19.14 4.82 -17.58
N PRO A 58 -20.44 4.47 -17.83
CA PRO A 58 -21.23 5.23 -18.80
C PRO A 58 -21.28 6.73 -18.57
N SER A 59 -21.13 7.18 -17.33
CA SER A 59 -21.09 8.61 -17.03
C SER A 59 -19.83 9.33 -17.50
N TYR A 60 -18.81 8.57 -17.89
CA TYR A 60 -17.52 9.12 -18.32
C TYR A 60 -17.13 8.74 -19.75
N ILE A 61 -17.92 7.91 -20.42
CA ILE A 61 -17.49 7.48 -21.75
C ILE A 61 -17.39 8.69 -22.68
N GLY A 62 -16.36 8.70 -23.50
CA GLY A 62 -16.06 9.83 -24.38
C GLY A 62 -15.33 10.99 -23.70
N ARG A 63 -15.20 10.92 -22.38
CA ARG A 63 -14.56 11.99 -21.58
C ARG A 63 -13.33 11.55 -20.82
N ALA A 64 -13.16 10.23 -20.62
CA ALA A 64 -12.07 9.72 -19.85
C ALA A 64 -11.15 8.88 -20.73
N LYS A 65 -9.85 9.08 -20.56
CA LYS A 65 -8.88 8.29 -21.30
CA LYS A 65 -8.82 8.37 -21.33
C LYS A 65 -7.74 7.95 -20.36
N LEU A 66 -7.29 6.70 -20.44
CA LEU A 66 -6.22 6.19 -19.61
C LEU A 66 -5.02 5.87 -20.48
N PHE A 67 -3.87 6.40 -20.13
CA PHE A 67 -2.67 6.20 -20.97
C PHE A 67 -1.40 6.31 -20.14
N MET A 68 -0.31 5.92 -20.77
CA MET A 68 1.04 6.15 -20.27
C MET A 68 1.81 7.05 -21.25
N LYS A 69 3.01 7.48 -20.84
CA LYS A 69 3.79 8.42 -21.64
C LYS A 69 5.22 7.93 -21.77
N GLY A 70 5.76 8.06 -22.97
CA GLY A 70 7.20 7.79 -23.19
C GLY A 70 7.62 6.41 -22.78
N THR A 71 8.72 6.30 -22.04
CA THR A 71 9.18 5.03 -21.46
C THR A 71 9.19 5.15 -19.94
N ASP A 72 8.37 6.06 -19.40
CA ASP A 72 8.18 6.14 -17.95
C ASP A 72 7.29 4.98 -17.55
N LEU A 73 7.91 3.97 -16.94
CA LEU A 73 7.24 2.74 -16.60
C LEU A 73 6.50 2.74 -15.26
N THR A 74 6.50 3.88 -14.54
CA THR A 74 6.05 3.93 -13.14
C THR A 74 4.89 4.89 -12.87
N VAL A 75 4.19 5.31 -13.92
CA VAL A 75 3.07 6.23 -13.75
C VAL A 75 2.10 6.03 -14.91
N PHE A 76 0.81 6.06 -14.61
CA PHE A 76 -0.21 6.18 -15.64
C PHE A 76 -1.05 7.39 -15.39
N TYR A 77 -1.83 7.75 -16.41
CA TYR A 77 -2.58 8.98 -16.40
C TYR A 77 -4.00 8.71 -16.80
N VAL A 78 -4.92 9.46 -16.18
CA VAL A 78 -6.30 9.51 -16.65
C VAL A 78 -6.72 10.95 -16.91
N ASN A 79 -7.04 11.25 -18.16
CA ASN A 79 -7.56 12.55 -18.49
C ASN A 79 -9.04 12.49 -18.43
N ILE A 80 -9.66 13.42 -17.71
CA ILE A 80 -11.10 13.57 -17.75
C ILE A 80 -11.44 14.94 -18.27
N SER A 81 -12.19 14.95 -19.37
CA SER A 81 -12.59 16.23 -20.00
C SER A 81 -14.04 16.62 -19.70
N HIS A 82 -14.39 17.85 -20.05
CA HIS A 82 -15.74 18.36 -19.89
C HIS A 82 -16.25 18.15 -18.47
N LEU A 83 -15.44 18.57 -17.51
CA LEU A 83 -15.77 18.35 -16.10
C LEU A 83 -17.12 18.93 -15.71
N THR A 84 -17.85 18.16 -14.90
CA THR A 84 -19.13 18.54 -14.30
C THR A 84 -19.02 18.62 -12.78
N HIS A 85 -19.97 19.28 -12.14
CA HIS A 85 -19.89 19.32 -10.69
C HIS A 85 -20.00 17.91 -10.08
N ASN A 86 -20.70 17.02 -10.75
CA ASN A 86 -20.83 15.66 -10.27
C ASN A 86 -19.52 14.85 -10.31
N ASP A 87 -18.55 15.32 -11.10
CA ASP A 87 -17.21 14.71 -11.14
C ASP A 87 -16.40 15.03 -9.88
N ALA A 88 -16.79 16.04 -9.12
CA ALA A 88 -16.04 16.39 -7.94
C ALA A 88 -16.07 15.29 -6.92
N GLY A 89 -14.96 15.18 -6.17
CA GLY A 89 -14.88 14.29 -5.03
C GLY A 89 -13.61 13.47 -5.04
N LEU A 90 -13.59 12.45 -4.20
CA LEU A 90 -12.43 11.60 -4.02
C LEU A 90 -12.41 10.46 -5.03
N TYR A 91 -11.19 10.16 -5.51
CA TYR A 91 -10.91 9.06 -6.42
C TYR A 91 -9.71 8.31 -5.89
N ILE A 92 -9.56 7.08 -6.37
CA ILE A 92 -8.41 6.24 -6.06
C ILE A 92 -7.84 5.69 -7.36
N CYS A 93 -6.55 5.95 -7.57
CA CYS A 93 -5.74 5.29 -8.61
C CYS A 93 -5.32 3.96 -8.09
N GLN A 94 -5.38 2.93 -8.91
CA GLN A 94 -4.84 1.63 -8.48
C GLN A 94 -4.08 0.97 -9.60
N ALA A 95 -2.92 0.41 -9.25
CA ALA A 95 -2.23 -0.48 -10.14
C ALA A 95 -2.12 -1.80 -9.39
N GLY A 96 -2.69 -2.83 -9.97
CA GLY A 96 -2.71 -4.15 -9.33
C GLY A 96 -3.98 -4.38 -8.60
N GLU A 97 -4.08 -5.54 -7.95
CA GLU A 97 -5.28 -5.93 -7.24
C GLU A 97 -4.88 -6.45 -5.87
N GLY A 98 -5.73 -6.19 -4.88
CA GLY A 98 -5.58 -6.78 -3.56
C GLY A 98 -4.57 -6.06 -2.68
N PRO A 99 -4.05 -6.77 -1.66
CA PRO A 99 -3.21 -6.12 -0.63
C PRO A 99 -1.92 -5.46 -1.13
N SER A 100 -1.35 -5.94 -2.22
CA SER A 100 -0.09 -5.42 -2.78
C SER A 100 -0.30 -4.38 -3.88
N ALA A 101 -1.55 -3.96 -4.10
CA ALA A 101 -1.82 -2.94 -5.12
C ALA A 101 -1.22 -1.58 -4.75
N ASP A 102 -0.75 -0.83 -5.74
CA ASP A 102 -0.28 0.53 -5.49
C ASP A 102 -1.47 1.46 -5.66
N LYS A 103 -1.77 2.27 -4.64
CA LYS A 103 -2.94 3.14 -4.64
C LYS A 103 -2.49 4.56 -4.43
N LYS A 104 -3.21 5.50 -5.05
CA LYS A 104 -2.96 6.91 -4.84
C LYS A 104 -4.33 7.59 -4.64
N ASN A 105 -4.47 8.33 -3.55
CA ASN A 105 -5.66 9.09 -3.29
C ASN A 105 -5.61 10.44 -4.03
N VAL A 106 -6.74 10.81 -4.65
CA VAL A 106 -6.91 11.98 -5.45
C VAL A 106 -8.22 12.67 -5.08
N ASP A 107 -8.21 14.01 -5.01
CA ASP A 107 -9.42 14.78 -4.75
C ASP A 107 -9.57 15.78 -5.88
N LEU A 108 -10.72 15.70 -6.57
CA LEU A 108 -11.04 16.65 -7.61
CA LEU A 108 -11.06 16.65 -7.63
C LEU A 108 -12.04 17.66 -7.09
N GLN A 109 -11.63 18.93 -7.10
CA GLN A 109 -12.51 20.03 -6.77
C GLN A 109 -12.88 20.71 -8.09
N VAL A 110 -14.17 20.76 -8.35
CA VAL A 110 -14.72 21.38 -9.53
C VAL A 110 -15.46 22.66 -9.10
N LEU A 111 -15.03 23.77 -9.63
CA LEU A 111 -15.66 25.05 -9.28
CA LEU A 111 -15.64 25.07 -9.30
C LEU A 111 -16.78 25.33 -10.28
N ALA A 112 -17.96 25.52 -9.76
CA ALA A 112 -19.17 25.58 -10.56
C ALA A 112 -20.02 26.78 -10.16
N PRO A 113 -20.89 27.26 -11.06
CA PRO A 113 -21.66 28.49 -10.84
C PRO A 113 -22.54 28.49 -9.61
N GLU A 114 -22.58 29.65 -8.95
CA GLU A 114 -23.45 29.94 -7.82
C GLU A 114 -24.89 30.13 -8.31
N ASP B 9 15.08 -4.94 25.09
CA ASP B 9 15.28 -3.67 24.33
C ASP B 9 14.46 -3.69 23.02
N THR B 10 13.40 -2.87 22.96
CA THR B 10 12.49 -2.86 21.80
C THR B 10 12.93 -1.83 20.75
N HIS B 11 13.02 -2.25 19.49
CA HIS B 11 13.35 -1.33 18.42
C HIS B 11 12.02 -0.83 17.87
N VAL B 12 11.85 0.50 17.81
CA VAL B 12 10.63 1.13 17.28
C VAL B 12 10.84 1.58 15.83
N TYR B 13 9.94 1.16 14.93
CA TYR B 13 9.91 1.60 13.55
C TYR B 13 8.61 2.40 13.39
N THR B 14 8.71 3.52 12.69
CA THR B 14 7.58 4.41 12.42
C THR B 14 7.49 4.66 10.92
N LYS B 15 6.33 4.32 10.34
CA LYS B 15 6.11 4.48 8.92
C LYS B 15 4.69 4.96 8.65
N ASP B 16 4.53 5.67 7.54
CA ASP B 16 3.20 6.09 7.12
C ASP B 16 2.43 4.92 6.54
N ILE B 17 1.11 4.94 6.75
CA ILE B 17 0.22 3.99 6.15
C ILE B 17 0.46 3.89 4.64
N GLY B 18 0.43 2.66 4.13
CA GLY B 18 0.72 2.37 2.72
C GLY B 18 2.17 2.17 2.33
N ARG B 19 3.11 2.55 3.20
CA ARG B 19 4.55 2.46 2.92
C ARG B 19 5.10 1.09 3.35
N ASN B 20 6.41 0.95 3.33
CA ASN B 20 7.05 -0.35 3.68
C ASN B 20 8.04 -0.19 4.81
N VAL B 21 8.33 -1.28 5.49
CA VAL B 21 9.25 -1.31 6.62
C VAL B 21 10.11 -2.55 6.47
N THR B 22 11.39 -2.39 6.73
CA THR B 22 12.33 -3.53 6.82
C THR B 22 12.75 -3.69 8.29
N ILE B 23 12.31 -4.78 8.89
CA ILE B 23 12.57 -5.07 10.29
C ILE B 23 13.84 -5.90 10.33
N GLU B 24 14.75 -5.54 11.23
CA GLU B 24 16.03 -6.23 11.42
C GLU B 24 15.97 -7.13 12.65
N CYS B 25 16.38 -8.39 12.49
CA CYS B 25 16.23 -9.44 13.49
C CYS B 25 17.61 -10.04 13.73
N PRO B 26 18.33 -9.55 14.75
CA PRO B 26 19.65 -10.11 15.05
C PRO B 26 19.53 -11.44 15.78
N PHE B 27 20.53 -12.29 15.59
CA PHE B 27 20.62 -13.55 16.34
C PHE B 27 22.07 -13.94 16.55
N LYS B 28 22.29 -15.01 17.31
CA LYS B 28 23.63 -15.52 17.56
C LYS B 28 23.96 -16.75 16.72
N ARG B 29 25.26 -17.02 16.62
CA ARG B 29 25.80 -18.08 15.78
C ARG B 29 25.18 -19.44 16.01
N GLU B 30 24.90 -19.76 17.28
CA GLU B 30 24.28 -21.03 17.63
C GLU B 30 22.92 -21.26 16.99
N ASN B 31 22.22 -20.17 16.64
CA ASN B 31 20.94 -20.27 15.97
C ASN B 31 20.99 -20.07 14.45
N ALA B 32 22.19 -20.05 13.87
CA ALA B 32 22.28 -20.09 12.39
C ALA B 32 21.51 -21.22 11.69
N PRO B 33 21.54 -22.45 12.24
CA PRO B 33 20.78 -23.53 11.56
C PRO B 33 19.29 -23.55 11.87
N SER B 34 18.83 -22.62 12.72
CA SER B 34 17.47 -22.68 13.25
C SER B 34 16.49 -21.94 12.35
N LYS B 35 15.23 -22.27 12.53
CA LYS B 35 14.13 -21.58 11.86
C LYS B 35 14.15 -20.11 12.26
N LYS B 36 13.97 -19.23 11.27
CA LYS B 36 13.90 -17.79 11.49
C LYS B 36 12.43 -17.38 11.34
N SER B 37 11.91 -16.54 12.22
CA SER B 37 10.49 -16.15 12.10
C SER B 37 10.24 -14.75 12.68
N LEU B 38 9.12 -14.19 12.22
CA LEU B 38 8.57 -13.00 12.80
C LEU B 38 7.13 -13.35 13.19
N CYS B 39 6.74 -12.95 14.40
CA CYS B 39 5.36 -13.13 14.85
CA CYS B 39 5.38 -13.14 14.90
C CYS B 39 4.83 -11.82 15.43
N LYS B 40 3.51 -11.68 15.46
CA LYS B 40 2.86 -10.49 15.97
C LYS B 40 2.24 -10.78 17.34
N LYS B 41 2.54 -9.94 18.32
CA LYS B 41 1.99 -10.14 19.67
C LYS B 41 0.54 -9.72 19.76
N THR B 42 -0.25 -10.57 20.41
CA THR B 42 -1.59 -10.19 20.76
C THR B 42 -1.65 -10.40 22.27
N ASN B 43 -2.85 -10.25 22.84
CA ASN B 43 -3.05 -10.54 24.25
C ASN B 43 -2.72 -12.02 24.52
N GLN B 44 -1.51 -12.26 25.01
CA GLN B 44 -1.04 -13.58 25.47
C GLN B 44 -0.75 -14.65 24.40
N SER B 45 -0.68 -14.25 23.12
CA SER B 45 -0.27 -15.14 22.02
C SER B 45 0.65 -14.38 21.05
N CYS B 46 1.52 -15.10 20.35
CA CYS B 46 2.30 -14.48 19.26
CA CYS B 46 2.33 -14.55 19.26
C CYS B 46 1.99 -15.27 17.98
N GLU B 47 1.33 -14.58 17.05
CA GLU B 47 0.78 -15.16 15.82
C GLU B 47 1.84 -15.08 14.71
N LEU B 48 2.09 -16.19 14.02
CA LEU B 48 3.06 -16.18 12.90
C LEU B 48 2.74 -15.09 11.90
N VAL B 49 3.75 -14.33 11.51
CA VAL B 49 3.67 -13.46 10.34
C VAL B 49 4.33 -14.16 9.14
N ILE B 50 5.62 -14.54 9.29
CA ILE B 50 6.31 -15.26 8.23
C ILE B 50 7.48 -16.00 8.83
N ASP B 51 7.83 -17.14 8.24
CA ASP B 51 9.02 -17.86 8.65
C ASP B 51 9.88 -18.33 7.47
N SER B 52 11.08 -18.83 7.81
CA SER B 52 12.06 -19.27 6.80
C SER B 52 11.72 -20.61 6.13
N THR B 53 10.60 -21.22 6.54
CA THR B 53 10.08 -22.40 5.84
C THR B 53 9.04 -22.02 4.81
N GLU B 54 8.84 -20.71 4.63
CA GLU B 54 7.97 -20.10 3.64
C GLU B 54 6.52 -20.05 4.10
N LYS B 55 6.24 -20.41 5.34
CA LYS B 55 4.87 -20.21 5.83
C LYS B 55 4.64 -18.73 6.07
N VAL B 56 3.43 -18.28 5.75
CA VAL B 56 3.07 -16.90 5.89
C VAL B 56 1.61 -16.81 6.33
N ASN B 57 1.35 -15.86 7.20
CA ASN B 57 -0.02 -15.51 7.65
C ASN B 57 -0.85 -15.03 6.45
N PRO B 58 -2.09 -15.51 6.30
CA PRO B 58 -2.94 -15.06 5.21
C PRO B 58 -3.13 -13.54 5.13
N SER B 59 -3.00 -12.85 6.25
CA SER B 59 -3.13 -11.39 6.29
C SER B 59 -1.92 -10.63 5.77
N TYR B 60 -0.82 -11.35 5.56
CA TYR B 60 0.46 -10.73 5.09
C TYR B 60 0.95 -11.32 3.78
N ILE B 61 0.25 -12.29 3.22
CA ILE B 61 0.80 -12.93 2.02
C ILE B 61 0.88 -11.93 0.88
N GLY B 62 1.99 -11.99 0.15
CA GLY B 62 2.26 -11.02 -0.91
C GLY B 62 2.83 -9.71 -0.44
N ARG B 63 2.86 -9.48 0.87
CA ARG B 63 3.42 -8.27 1.44
C ARG B 63 4.65 -8.50 2.29
N ALA B 64 4.85 -9.72 2.79
CA ALA B 64 5.95 -9.99 3.71
C ALA B 64 6.97 -10.84 3.02
N LYS B 65 8.24 -10.48 3.20
CA LYS B 65 9.35 -11.24 2.65
C LYS B 65 10.45 -11.35 3.72
N LEU B 66 11.04 -12.53 3.85
CA LEU B 66 12.11 -12.79 4.82
C LEU B 66 13.37 -13.16 4.05
N PHE B 67 14.47 -12.51 4.38
CA PHE B 67 15.73 -12.72 3.65
C PHE B 67 16.92 -12.34 4.49
N MET B 68 18.09 -12.75 4.04
CA MET B 68 19.34 -12.27 4.61
C MET B 68 20.08 -11.45 3.55
N LYS B 69 21.19 -10.84 3.94
CA LYS B 69 21.97 -9.99 3.02
C LYS B 69 23.46 -10.33 3.04
N GLY B 70 24.08 -10.34 1.87
CA GLY B 70 25.55 -10.35 1.78
C GLY B 70 26.07 -11.60 2.43
N THR B 71 27.05 -11.43 3.31
CA THR B 71 27.64 -12.57 4.03
C THR B 71 27.54 -12.34 5.52
N ASP B 72 26.54 -11.57 5.93
CA ASP B 72 26.30 -11.35 7.34
C ASP B 72 25.44 -12.49 7.87
N LEU B 73 26.06 -13.35 8.65
CA LEU B 73 25.45 -14.58 9.11
C LEU B 73 24.66 -14.43 10.41
N THR B 74 24.53 -13.20 10.92
CA THR B 74 23.96 -12.98 12.26
C THR B 74 22.74 -12.06 12.30
N VAL B 75 22.12 -11.78 11.15
CA VAL B 75 20.91 -10.97 11.12
C VAL B 75 20.04 -11.44 9.96
N PHE B 76 18.73 -11.51 10.20
CA PHE B 76 17.79 -11.63 9.07
C PHE B 76 16.82 -10.44 9.06
N TYR B 77 16.12 -10.31 7.95
CA TYR B 77 15.26 -9.16 7.71
C TYR B 77 13.90 -9.64 7.30
N VAL B 78 12.88 -8.86 7.67
CA VAL B 78 11.56 -9.05 7.13
C VAL B 78 11.07 -7.70 6.64
N ASN B 79 10.74 -7.66 5.35
CA ASN B 79 10.14 -6.46 4.78
C ASN B 79 8.64 -6.71 4.71
N ILE B 80 7.88 -5.71 5.16
CA ILE B 80 6.43 -5.72 5.06
C ILE B 80 6.04 -4.48 4.26
N SER B 81 5.36 -4.72 3.14
CA SER B 81 4.94 -3.64 2.27
C SER B 81 3.46 -3.29 2.45
N HIS B 82 3.07 -2.16 1.89
CA HIS B 82 1.66 -1.73 1.89
C HIS B 82 1.05 -1.79 3.26
N LEU B 83 1.73 -1.16 4.22
CA LEU B 83 1.31 -1.19 5.59
C LEU B 83 -0.14 -0.71 5.79
N THR B 84 -0.84 -1.42 6.67
CA THR B 84 -2.23 -1.12 7.00
C THR B 84 -2.35 -0.74 8.47
N HIS B 85 -3.51 -0.20 8.85
CA HIS B 85 -3.81 0.07 10.27
C HIS B 85 -3.52 -1.19 11.13
N ASN B 86 -4.03 -2.33 10.66
CA ASN B 86 -3.94 -3.57 11.42
C ASN B 86 -2.51 -4.09 11.60
N ASP B 87 -1.57 -3.59 10.79
CA ASP B 87 -0.15 -3.99 10.94
C ASP B 87 0.57 -3.37 12.15
N ALA B 88 0.05 -2.27 12.69
CA ALA B 88 0.70 -1.60 13.81
C ALA B 88 0.69 -2.49 15.02
N GLY B 89 1.72 -2.36 15.83
CA GLY B 89 1.81 -3.13 17.08
C GLY B 89 3.16 -3.76 17.34
N LEU B 90 3.19 -4.60 18.37
CA LEU B 90 4.38 -5.31 18.79
C LEU B 90 4.56 -6.63 18.03
N TYR B 91 5.79 -6.86 17.58
CA TYR B 91 6.20 -8.08 16.95
C TYR B 91 7.41 -8.64 17.69
N ILE B 92 7.66 -9.94 17.50
CA ILE B 92 8.86 -10.58 18.00
C ILE B 92 9.63 -11.30 16.90
N CYS B 93 10.90 -10.93 16.76
CA CYS B 93 11.86 -11.69 15.94
C CYS B 93 12.32 -12.89 16.72
N GLN B 94 12.42 -14.03 16.05
CA GLN B 94 12.98 -15.24 16.67
C GLN B 94 13.85 -16.04 15.71
N ALA B 95 14.99 -16.49 16.22
CA ALA B 95 15.79 -17.48 15.55
C ALA B 95 15.90 -18.63 16.55
N GLY B 96 15.32 -19.77 16.20
CA GLY B 96 15.30 -20.94 17.09
C GLY B 96 14.02 -21.03 17.87
N GLU B 97 14.01 -21.94 18.84
CA GLU B 97 12.84 -22.14 19.70
C GLU B 97 13.26 -22.48 21.12
N GLY B 98 12.34 -22.27 22.05
CA GLY B 98 12.59 -22.53 23.47
C GLY B 98 13.62 -21.57 24.07
N PRO B 99 14.18 -21.92 25.24
CA PRO B 99 15.10 -21.03 25.95
C PRO B 99 16.39 -20.66 25.22
N SER B 100 16.79 -21.47 24.23
CA SER B 100 17.98 -21.20 23.44
C SER B 100 17.71 -20.19 22.31
N ALA B 101 16.45 -19.80 22.10
CA ALA B 101 16.06 -18.95 20.97
C ALA B 101 16.62 -17.55 21.16
N ASP B 102 16.97 -16.87 20.05
CA ASP B 102 17.31 -15.47 20.13
C ASP B 102 16.06 -14.72 19.72
N LYS B 103 15.66 -13.75 20.54
CA LYS B 103 14.43 -13.03 20.34
C LYS B 103 14.73 -11.54 20.36
N LYS B 104 13.95 -10.77 19.59
CA LYS B 104 14.07 -9.32 19.56
C LYS B 104 12.66 -8.75 19.47
N ASN B 105 12.30 -7.90 20.45
CA ASN B 105 11.08 -7.10 20.41
C ASN B 105 11.18 -5.92 19.42
N VAL B 106 10.11 -5.75 18.62
CA VAL B 106 10.00 -4.73 17.59
C VAL B 106 8.63 -4.08 17.74
N ASP B 107 8.58 -2.76 17.71
CA ASP B 107 7.27 -2.11 17.71
C ASP B 107 7.15 -1.38 16.40
N LEU B 108 6.06 -1.61 15.69
CA LEU B 108 5.79 -0.92 14.42
C LEU B 108 4.67 0.10 14.64
N GLN B 109 4.99 1.37 14.43
CA GLN B 109 4.01 2.43 14.55
C GLN B 109 3.59 2.77 13.12
N VAL B 110 2.30 2.74 12.86
CA VAL B 110 1.77 3.07 11.53
C VAL B 110 1.01 4.41 11.67
N LEU B 111 1.46 5.42 10.94
CA LEU B 111 0.91 6.80 11.02
C LEU B 111 -0.16 7.00 9.96
N ALA B 112 -1.31 7.51 10.38
CA ALA B 112 -2.44 7.69 9.47
C ALA B 112 -3.19 8.96 9.85
N PRO B 113 -4.02 9.47 8.94
CA PRO B 113 -4.61 10.77 9.27
C PRO B 113 -5.66 10.75 10.35
N GLU B 114 -6.35 9.63 10.53
CA GLU B 114 -7.40 9.55 11.54
C GLU B 114 -7.40 8.19 12.23
C1 NAG C . -6.94 20.73 -21.19
C2 NAG C . -7.07 21.46 -22.52
C3 NAG C . -5.74 22.12 -22.87
C4 NAG C . -5.24 22.99 -21.73
C5 NAG C . -5.21 22.19 -20.43
C6 NAG C . -4.83 23.02 -19.22
C7 NAG C . -8.76 20.46 -23.99
C8 NAG C . -9.06 19.49 -25.10
N2 NAG C . -7.49 20.57 -23.58
O3 NAG C . -5.92 22.91 -24.03
O4 NAG C . -3.94 23.48 -22.04
O5 NAG C . -6.50 21.64 -20.19
O6 NAG C . -4.30 22.17 -18.23
O7 NAG C . -9.68 21.12 -23.52
C1 NAG D . 10.28 1.14 0.73
C2 NAG D . 10.35 1.57 -0.73
C3 NAG D . 11.61 2.31 -1.08
C4 NAG D . 11.90 3.42 -0.09
C5 NAG D . 11.85 2.85 1.33
C6 NAG D . 12.01 4.03 2.28
C7 NAG D . 9.11 0.06 -2.16
C8 NAG D . 9.12 -1.15 -3.07
N2 NAG D . 10.25 0.41 -1.61
O3 NAG D . 11.47 2.91 -2.35
O4 NAG D . 13.16 3.99 -0.40
O5 NAG D . 10.58 2.24 1.57
O6 NAG D . 12.20 3.54 3.56
O7 NAG D . 8.07 0.69 -1.95
C1 GOL E . 17.39 -21.00 8.04
O1 GOL E . 18.47 -20.10 8.32
C2 GOL E . 17.76 -22.35 8.66
O2 GOL E . 16.61 -23.18 8.85
C3 GOL E . 18.72 -23.08 7.75
O3 GOL E . 17.98 -24.04 6.97
#